data_7VEU
#
_entry.id   7VEU
#
_cell.length_a   72.686
_cell.length_b   86.662
_cell.length_c   97.323
_cell.angle_alpha   90.000
_cell.angle_beta   90.000
_cell.angle_gamma   90.000
#
_symmetry.space_group_name_H-M   'P 21 21 21'
#
loop_
_entity.id
_entity.type
_entity.pdbx_description
1 polymer SPH1118
2 non-polymer GLYCEROL
3 non-polymer 'alpha-D-galactopyranuronic acid'
4 water water
#
_entity_poly.entity_id   1
_entity_poly.type   'polypeptide(L)'
_entity_poly.pdbx_seq_one_letter_code
;AAFTQAPMLEQNKQLPPVDQRLPEKPLVIKPIASNGVYGGTLRTVMRGNADGNGILRTIGPQGLTHWTQDIQTVEPYVAE
SYTVSPDAMEYTFKLRKGMKWSDGTPFTADDIVFAMNDVVLNKEMFPQTPSAYLVGGKAPKVSKVDDYTVKFEFPAANLS
FPETLATPLGQHPTLYQKKYCSQFHPAYNKNVQAEFTKANVKDWPSLMRAKCSDIELPSRWSSTERPSIDPWLIKEPYGG
AVTRVVMERNPFYWQVDPTGKQLPYVDRIQYAVVSDLQAIILAATNGQYDIEARLLGSDVTSRPLMLKNQQKGGYKVFGQ
TSANANAAGLWLNQTTKNEKLRKYMTQHDFRQALSLAMDRDEINKVAWLGQAAPWQSGPFKESKWYNEKLATQYLKLDLA
QANQILDRLGLTKRDSDGYRTYPDGGRVSLDAIVMIDRQAMVQTLELIRRQWQKAGVELVIKGSERSLFYNRATANDYDI
SIDVFPGGLDATLNPRAYVAVHPLESRMSLEWAKWYLSGGKQGIEPNESMKKRMALYDQFVAAKTQSQALSLFKQILQIS
ADEFEVIGTVRPAVISSLHSLKLQNVNEKMPFGWPYATPSLSLPQQWYFSKLEHHHHHH
;
_entity_poly.pdbx_strand_id   A
#
loop_
_chem_comp.id
_chem_comp.type
_chem_comp.name
_chem_comp.formula
ADA D-saccharide, alpha linking 'alpha-D-galactopyranuronic acid' 'C6 H10 O7'
GOL non-polymer GLYCEROL 'C3 H8 O3'
#
# COMPACT_ATOMS: atom_id res chain seq x y z
N ALA A 2 -5.54 -33.48 21.17
CA ALA A 2 -4.90 -33.00 19.95
C ALA A 2 -4.98 -31.47 19.87
N PHE A 3 -5.84 -30.99 18.99
CA PHE A 3 -6.10 -29.57 18.86
C PHE A 3 -7.51 -29.29 19.35
N THR A 4 -7.79 -28.03 19.66
CA THR A 4 -9.14 -27.60 20.02
C THR A 4 -9.63 -26.53 19.04
N GLN A 5 -10.92 -26.24 19.11
CA GLN A 5 -11.55 -25.37 18.12
C GLN A 5 -12.52 -24.42 18.81
N ALA A 6 -12.93 -23.39 18.06
CA ALA A 6 -13.89 -22.44 18.57
C ALA A 6 -15.22 -23.13 18.86
N PRO A 7 -15.90 -22.77 19.94
CA PRO A 7 -17.24 -23.36 20.18
C PRO A 7 -18.20 -23.24 19.00
N MET A 8 -18.19 -22.13 18.26
CA MET A 8 -19.14 -22.04 17.16
C MET A 8 -18.87 -23.10 16.09
N LEU A 9 -17.65 -23.60 16.00
CA LEU A 9 -17.37 -24.70 15.07
C LEU A 9 -17.63 -26.05 15.71
N GLU A 10 -17.28 -26.18 17.00
CA GLU A 10 -17.62 -27.38 17.78
C GLU A 10 -19.10 -27.74 17.64
N GLN A 11 -19.95 -26.73 17.51
CA GLN A 11 -21.39 -26.94 17.43
C GLN A 11 -21.87 -27.23 16.02
N ASN A 12 -21.03 -27.12 15.00
CA ASN A 12 -21.42 -27.40 13.63
C ASN A 12 -20.98 -28.82 13.28
N LYS A 13 -21.88 -29.78 13.50
CA LYS A 13 -21.62 -31.19 13.33
C LYS A 13 -21.35 -31.61 11.89
N GLN A 14 -21.52 -30.70 10.91
CA GLN A 14 -21.29 -31.03 9.52
C GLN A 14 -19.85 -30.81 9.06
N LEU A 15 -19.00 -30.24 9.91
CA LEU A 15 -17.59 -30.07 9.61
C LEU A 15 -16.81 -31.31 9.98
N PRO A 16 -15.66 -31.54 9.36
CA PRO A 16 -14.76 -32.60 9.82
C PRO A 16 -14.19 -32.27 11.19
N PRO A 17 -13.67 -33.25 11.92
CA PRO A 17 -13.02 -32.96 13.21
C PRO A 17 -11.87 -31.99 12.99
N VAL A 18 -11.55 -31.23 14.04
CA VAL A 18 -10.61 -30.13 13.88
C VAL A 18 -9.25 -30.63 13.41
N ASP A 19 -8.80 -31.78 13.89
N ASP A 19 -8.81 -31.78 13.91
CA ASP A 19 -7.51 -32.28 13.44
CA ASP A 19 -7.53 -32.32 13.45
C ASP A 19 -7.49 -32.59 11.95
C ASP A 19 -7.52 -32.48 11.94
N GLN A 20 -8.66 -32.85 11.35
CA GLN A 20 -8.72 -33.07 9.91
C GLN A 20 -8.93 -31.78 9.13
N ARG A 21 -9.18 -30.66 9.80
CA ARG A 21 -9.30 -29.38 9.13
C ARG A 21 -7.99 -28.61 9.09
N LEU A 22 -7.06 -28.92 10.02
CA LEU A 22 -5.75 -28.29 10.15
C LEU A 22 -4.71 -29.03 9.34
N PRO A 23 -3.61 -28.37 8.98
CA PRO A 23 -2.43 -29.08 8.51
C PRO A 23 -1.96 -30.10 9.54
N GLU A 24 -1.19 -31.08 9.07
CA GLU A 24 -0.61 -32.04 10.01
C GLU A 24 0.23 -31.32 11.07
N LYS A 25 0.97 -30.29 10.64
CA LYS A 25 1.75 -29.44 11.53
C LYS A 25 1.33 -28.01 11.28
N PRO A 26 0.27 -27.54 11.95
CA PRO A 26 -0.16 -26.15 11.74
C PRO A 26 0.93 -25.18 12.14
N LEU A 27 0.87 -23.99 11.55
CA LEU A 27 1.73 -22.91 11.99
C LEU A 27 1.30 -22.50 13.39
N VAL A 28 2.23 -22.56 14.35
CA VAL A 28 1.95 -22.15 15.72
C VAL A 28 2.30 -20.68 15.88
N ILE A 29 1.30 -19.86 16.19
CA ILE A 29 1.47 -18.42 16.36
C ILE A 29 1.78 -18.14 17.83
N LYS A 30 2.90 -17.48 18.09
CA LYS A 30 3.17 -16.97 19.43
C LYS A 30 2.46 -15.64 19.61
N PRO A 31 1.58 -15.49 20.60
CA PRO A 31 0.82 -14.25 20.73
C PRO A 31 1.72 -13.06 21.08
N ILE A 32 1.21 -11.87 20.74
CA ILE A 32 1.93 -10.63 21.03
C ILE A 32 2.10 -10.44 22.54
N ALA A 33 1.07 -10.77 23.32
CA ALA A 33 1.12 -10.48 24.76
C ALA A 33 0.62 -11.63 25.63
N SER A 34 -0.46 -12.31 25.22
CA SER A 34 -1.03 -13.34 26.10
C SER A 34 -1.79 -14.35 25.26
N ASN A 35 -1.89 -15.59 25.78
CA ASN A 35 -2.77 -16.56 25.18
C ASN A 35 -4.22 -16.07 25.31
N GLY A 36 -5.03 -16.36 24.29
CA GLY A 36 -6.32 -15.73 24.16
C GLY A 36 -7.50 -16.67 24.35
N VAL A 37 -8.69 -16.07 24.26
CA VAL A 37 -9.98 -16.73 24.44
C VAL A 37 -10.79 -16.54 23.16
N TYR A 38 -11.55 -17.57 22.78
CA TYR A 38 -12.44 -17.48 21.63
C TYR A 38 -13.59 -16.50 21.86
N GLY A 39 -14.05 -15.90 20.76
CA GLY A 39 -15.34 -15.23 20.78
C GLY A 39 -15.35 -13.76 20.39
N GLY A 40 -16.51 -13.25 20.00
CA GLY A 40 -16.72 -11.82 19.84
C GLY A 40 -16.73 -11.40 18.39
N THR A 41 -17.12 -10.13 18.22
CA THR A 41 -17.15 -9.44 16.93
C THR A 41 -16.20 -8.26 16.99
N LEU A 42 -15.23 -8.23 16.07
CA LEU A 42 -14.36 -7.07 15.90
C LEU A 42 -15.08 -6.03 15.05
N ARG A 43 -15.30 -4.83 15.61
CA ARG A 43 -15.99 -3.76 14.89
C ARG A 43 -14.96 -2.83 14.28
N THR A 44 -15.02 -2.62 12.97
CA THR A 44 -14.14 -1.64 12.35
C THR A 44 -14.89 -0.97 11.20
N VAL A 45 -14.15 -0.35 10.27
CA VAL A 45 -14.77 0.60 9.35
C VAL A 45 -13.98 0.67 8.06
N MET A 46 -14.72 0.87 6.96
CA MET A 46 -14.13 1.17 5.66
C MET A 46 -14.84 2.38 5.10
N ARG A 47 -14.10 3.21 4.35
CA ARG A 47 -14.61 4.50 3.91
C ARG A 47 -15.16 4.33 2.50
N GLY A 48 -16.45 4.04 2.43
CA GLY A 48 -17.11 3.97 1.14
C GLY A 48 -16.86 2.65 0.43
N ASN A 49 -17.17 2.66 -0.87
CA ASN A 49 -17.25 1.44 -1.67
C ASN A 49 -16.02 1.19 -2.54
N ALA A 50 -15.01 2.05 -2.50
CA ALA A 50 -13.73 1.81 -3.17
C ALA A 50 -12.59 1.66 -2.17
N ASP A 51 -12.86 0.95 -1.08
CA ASP A 51 -11.93 0.86 0.04
C ASP A 51 -11.71 -0.59 0.43
N GLY A 52 -11.71 -1.49 -0.56
CA GLY A 52 -11.54 -2.91 -0.28
C GLY A 52 -10.23 -3.24 0.40
N ASN A 53 -9.20 -2.41 0.19
CA ASN A 53 -7.95 -2.65 0.90
C ASN A 53 -8.10 -2.50 2.41
N GLY A 54 -9.18 -1.86 2.86
CA GLY A 54 -9.45 -1.81 4.29
C GLY A 54 -9.73 -3.19 4.87
N ILE A 55 -10.39 -4.06 4.09
CA ILE A 55 -10.52 -5.46 4.52
C ILE A 55 -9.16 -6.14 4.48
N LEU A 56 -8.41 -5.96 3.39
CA LEU A 56 -7.12 -6.63 3.27
C LEU A 56 -6.18 -6.24 4.41
N ARG A 57 -6.19 -4.97 4.81
CA ARG A 57 -5.29 -4.49 5.86
C ARG A 57 -5.84 -4.77 7.25
N THR A 58 -7.07 -5.25 7.34
CA THR A 58 -7.60 -5.76 8.61
C THR A 58 -7.26 -7.24 8.79
N ILE A 59 -7.55 -8.07 7.80
CA ILE A 59 -7.38 -9.52 7.97
C ILE A 59 -5.97 -9.99 7.62
N GLY A 60 -5.24 -9.26 6.77
CA GLY A 60 -3.90 -9.60 6.37
C GLY A 60 -3.79 -10.42 5.09
N PRO A 61 -2.87 -10.03 4.21
CA PRO A 61 -2.51 -10.92 3.09
C PRO A 61 -1.93 -12.22 3.64
N GLN A 62 -2.36 -13.35 3.10
CA GLN A 62 -1.82 -14.64 3.56
C GLN A 62 -0.78 -15.12 2.54
N GLY A 63 0.42 -14.54 2.64
CA GLY A 63 1.46 -14.80 1.67
C GLY A 63 2.37 -15.97 2.03
N LEU A 64 3.26 -16.30 1.08
CA LEU A 64 4.22 -17.37 1.31
C LEU A 64 5.15 -17.04 2.47
N THR A 65 5.48 -15.76 2.65
CA THR A 65 6.26 -15.25 3.75
C THR A 65 5.47 -14.15 4.45
N HIS A 66 5.96 -13.71 5.61
CA HIS A 66 5.28 -12.68 6.39
C HIS A 66 6.35 -11.85 7.10
N TRP A 67 6.10 -10.54 7.20
CA TRP A 67 7.00 -9.68 7.95
C TRP A 67 7.09 -10.10 9.42
N THR A 68 8.28 -9.95 9.99
CA THR A 68 8.37 -9.98 11.43
C THR A 68 7.75 -8.70 12.00
N GLN A 69 7.42 -8.75 13.31
CA GLN A 69 6.76 -7.61 13.92
C GLN A 69 7.57 -6.32 13.81
N ASP A 70 8.90 -6.42 13.80
CA ASP A 70 9.76 -5.24 13.72
C ASP A 70 10.13 -4.88 12.28
N ILE A 71 9.53 -5.55 11.29
CA ILE A 71 9.69 -5.40 9.84
C ILE A 71 11.14 -5.45 9.40
N GLN A 72 12.00 -6.09 10.18
CA GLN A 72 13.40 -6.18 9.79
C GLN A 72 13.68 -7.35 8.85
N THR A 73 12.86 -8.38 8.86
CA THR A 73 13.03 -9.51 7.95
C THR A 73 11.68 -10.17 7.73
N VAL A 74 11.67 -11.30 7.03
CA VAL A 74 10.47 -12.09 6.82
C VAL A 74 10.74 -13.51 7.31
N GLU A 75 9.65 -14.24 7.52
CA GLU A 75 9.68 -15.64 7.91
C GLU A 75 8.70 -16.43 7.05
N PRO A 76 8.96 -17.72 6.86
CA PRO A 76 7.97 -18.56 6.17
C PRO A 76 6.63 -18.42 6.86
N TYR A 77 5.57 -18.26 6.05
CA TYR A 77 4.23 -18.08 6.58
C TYR A 77 3.33 -19.18 6.02
N VAL A 78 2.71 -18.96 4.86
CA VAL A 78 1.98 -20.07 4.24
C VAL A 78 2.95 -21.21 3.93
N ALA A 79 4.15 -20.89 3.46
CA ALA A 79 5.17 -21.92 3.29
C ALA A 79 5.71 -22.36 4.65
N GLU A 80 5.90 -23.67 4.80
CA GLU A 80 6.54 -24.19 5.99
C GLU A 80 8.01 -23.81 6.04
N SER A 81 8.67 -23.74 4.89
CA SER A 81 10.08 -23.37 4.78
C SER A 81 10.36 -23.07 3.32
N TYR A 82 11.53 -22.50 3.07
CA TYR A 82 11.99 -22.36 1.69
C TYR A 82 13.50 -22.35 1.67
N THR A 83 14.05 -22.66 0.50
CA THR A 83 15.48 -22.62 0.27
C THR A 83 15.76 -21.64 -0.85
N VAL A 84 16.99 -21.13 -0.85
CA VAL A 84 17.45 -20.17 -1.84
C VAL A 84 18.78 -20.66 -2.38
N SER A 85 18.93 -20.67 -3.69
CA SER A 85 20.19 -21.10 -4.27
C SER A 85 21.28 -20.07 -3.97
N PRO A 86 22.55 -20.47 -4.02
CA PRO A 86 23.63 -19.54 -3.65
C PRO A 86 23.62 -18.26 -4.46
N ASP A 87 23.16 -18.29 -5.71
CA ASP A 87 23.10 -17.09 -6.54
C ASP A 87 21.75 -16.39 -6.49
N ALA A 88 20.83 -16.86 -5.64
CA ALA A 88 19.53 -16.23 -5.44
C ALA A 88 18.66 -16.23 -6.69
N MET A 89 18.93 -17.13 -7.63
CA MET A 89 18.08 -17.25 -8.81
C MET A 89 16.95 -18.25 -8.63
N GLU A 90 17.06 -19.15 -7.67
CA GLU A 90 16.12 -20.26 -7.54
C GLU A 90 15.59 -20.32 -6.12
N TYR A 91 14.27 -20.29 -5.98
CA TYR A 91 13.58 -20.38 -4.70
C TYR A 91 12.67 -21.62 -4.71
N THR A 92 12.76 -22.43 -3.67
CA THR A 92 11.91 -23.62 -3.55
C THR A 92 11.13 -23.53 -2.24
N PHE A 93 9.80 -23.60 -2.33
CA PHE A 93 8.93 -23.46 -1.16
C PHE A 93 8.32 -24.81 -0.83
N LYS A 94 8.41 -25.18 0.45
CA LYS A 94 7.76 -26.37 0.97
C LYS A 94 6.48 -25.95 1.68
N LEU A 95 5.38 -26.60 1.32
CA LEU A 95 4.06 -26.24 1.84
C LEU A 95 3.69 -27.14 3.02
N ARG A 96 2.61 -26.77 3.69
CA ARG A 96 2.20 -27.45 4.92
C ARG A 96 1.24 -28.58 4.57
N LYS A 97 1.72 -29.82 4.66
CA LYS A 97 0.90 -30.98 4.30
C LYS A 97 -0.38 -31.01 5.10
N GLY A 98 -1.49 -31.29 4.42
CA GLY A 98 -2.78 -31.33 5.06
C GLY A 98 -3.52 -30.01 5.14
N MET A 99 -2.86 -28.90 4.83
CA MET A 99 -3.53 -27.61 4.78
C MET A 99 -4.71 -27.67 3.81
N LYS A 100 -5.76 -26.92 4.13
CA LYS A 100 -6.98 -26.90 3.33
C LYS A 100 -7.42 -25.46 3.07
N TRP A 101 -8.18 -25.29 1.99
CA TRP A 101 -8.87 -24.04 1.68
C TRP A 101 -10.11 -23.88 2.57
N SER A 102 -10.70 -22.69 2.51
CA SER A 102 -11.87 -22.36 3.30
C SER A 102 -13.06 -23.27 3.02
N ASP A 103 -13.13 -23.89 1.84
CA ASP A 103 -14.20 -24.81 1.49
C ASP A 103 -13.84 -26.27 1.78
N GLY A 104 -12.74 -26.53 2.48
CA GLY A 104 -12.32 -27.87 2.80
C GLY A 104 -11.46 -28.55 1.76
N THR A 105 -11.26 -27.93 0.60
CA THR A 105 -10.46 -28.50 -0.46
C THR A 105 -8.98 -28.52 -0.07
N PRO A 106 -8.25 -29.57 -0.41
CA PRO A 106 -6.81 -29.60 -0.10
C PRO A 106 -6.05 -28.45 -0.75
N PHE A 107 -5.12 -27.87 0.03
CA PHE A 107 -4.21 -26.82 -0.43
C PHE A 107 -2.89 -27.49 -0.78
N THR A 108 -2.45 -27.38 -2.03
CA THR A 108 -1.26 -28.13 -2.46
C THR A 108 -0.45 -27.30 -3.45
N ALA A 109 0.69 -27.87 -3.85
CA ALA A 109 1.55 -27.19 -4.82
C ALA A 109 0.81 -26.86 -6.10
N ASP A 110 -0.18 -27.68 -6.47
CA ASP A 110 -0.93 -27.44 -7.71
C ASP A 110 -1.56 -26.06 -7.71
N ASP A 111 -2.02 -25.60 -6.54
CA ASP A 111 -2.66 -24.29 -6.45
C ASP A 111 -1.67 -23.17 -6.73
N ILE A 112 -0.44 -23.29 -6.24
CA ILE A 112 0.55 -22.25 -6.45
C ILE A 112 0.99 -22.23 -7.90
N VAL A 113 1.14 -23.41 -8.52
CA VAL A 113 1.53 -23.45 -9.92
C VAL A 113 0.41 -22.94 -10.82
N PHE A 114 -0.84 -23.26 -10.49
CA PHE A 114 -1.97 -22.68 -11.21
C PHE A 114 -1.97 -21.15 -11.08
N ALA A 115 -1.87 -20.65 -9.86
CA ALA A 115 -1.87 -19.20 -9.65
C ALA A 115 -0.83 -18.52 -10.52
N MET A 116 0.38 -19.08 -10.58
CA MET A 116 1.45 -18.40 -11.29
C MET A 116 1.34 -18.60 -12.80
N ASN A 117 1.21 -19.85 -13.23
CA ASN A 117 1.33 -20.14 -14.66
C ASN A 117 0.04 -19.93 -15.43
N ASP A 118 -1.12 -20.16 -14.81
CA ASP A 118 -2.37 -19.99 -15.53
C ASP A 118 -3.03 -18.64 -15.28
N VAL A 119 -2.63 -17.91 -14.24
CA VAL A 119 -3.23 -16.61 -13.97
C VAL A 119 -2.19 -15.50 -14.13
N VAL A 120 -1.25 -15.41 -13.19
CA VAL A 120 -0.34 -14.27 -13.11
C VAL A 120 0.49 -14.12 -14.38
N LEU A 121 1.04 -15.22 -14.87
CA LEU A 121 1.94 -15.18 -16.00
C LEU A 121 1.22 -15.39 -17.33
N ASN A 122 -0.11 -15.50 -17.29
CA ASN A 122 -0.90 -15.64 -18.51
C ASN A 122 -1.08 -14.26 -19.15
N LYS A 123 -0.62 -14.11 -20.39
CA LYS A 123 -0.57 -12.79 -21.02
C LYS A 123 -1.93 -12.27 -21.47
N GLU A 124 -2.93 -13.14 -21.61
CA GLU A 124 -4.28 -12.66 -21.86
C GLU A 124 -4.92 -12.14 -20.57
N MET A 125 -4.66 -12.84 -19.47
CA MET A 125 -5.13 -12.39 -18.16
C MET A 125 -4.46 -11.10 -17.75
N PHE A 126 -3.12 -11.04 -17.84
CA PHE A 126 -2.32 -9.88 -17.45
C PHE A 126 -1.39 -9.51 -18.59
N PRO A 127 -1.86 -8.68 -19.54
CA PRO A 127 -0.97 -8.25 -20.63
C PRO A 127 0.34 -7.66 -20.13
N GLN A 128 0.31 -6.92 -19.03
CA GLN A 128 1.51 -6.55 -18.29
C GLN A 128 1.57 -7.42 -17.04
N THR A 129 2.62 -8.22 -16.93
CA THR A 129 2.76 -9.08 -15.78
C THR A 129 2.96 -8.25 -14.52
N PRO A 130 2.27 -8.56 -13.43
CA PRO A 130 2.52 -7.84 -12.18
C PRO A 130 4.00 -7.78 -11.85
N SER A 131 4.46 -6.57 -11.51
CA SER A 131 5.88 -6.30 -11.36
C SER A 131 6.51 -7.11 -10.23
N ALA A 132 5.71 -7.57 -9.26
CA ALA A 132 6.25 -8.32 -8.13
C ALA A 132 7.02 -9.56 -8.55
N TYR A 133 6.74 -10.12 -9.74
CA TYR A 133 7.36 -11.38 -10.14
C TYR A 133 8.33 -11.20 -11.30
N LEU A 134 8.67 -9.97 -11.67
CA LEU A 134 9.53 -9.69 -12.81
C LEU A 134 10.92 -9.30 -12.35
N VAL A 135 11.94 -9.81 -13.05
CA VAL A 135 13.32 -9.38 -12.87
C VAL A 135 13.82 -8.90 -14.23
N GLY A 136 14.07 -7.61 -14.36
CA GLY A 136 14.39 -7.03 -15.65
C GLY A 136 13.30 -7.26 -16.68
N GLY A 137 12.04 -7.11 -16.28
CA GLY A 137 10.94 -7.36 -17.18
C GLY A 137 10.79 -8.80 -17.63
N LYS A 138 11.51 -9.75 -17.04
CA LYS A 138 11.44 -11.14 -17.44
C LYS A 138 10.79 -11.96 -16.33
N ALA A 139 10.01 -12.99 -16.75
CA ALA A 139 9.20 -13.82 -15.88
C ALA A 139 9.98 -15.03 -15.36
N PRO A 140 9.63 -15.51 -14.18
CA PRO A 140 10.24 -16.74 -13.68
C PRO A 140 9.60 -17.97 -14.31
N LYS A 141 10.34 -19.07 -14.24
CA LYS A 141 9.77 -20.39 -14.52
C LYS A 141 9.30 -20.99 -13.21
N VAL A 142 8.01 -21.31 -13.13
CA VAL A 142 7.40 -21.86 -11.91
C VAL A 142 7.01 -23.29 -12.18
N SER A 143 7.45 -24.21 -11.33
CA SER A 143 7.23 -25.62 -11.58
C SER A 143 6.92 -26.35 -10.28
N LYS A 144 6.15 -27.43 -10.42
CA LYS A 144 5.88 -28.30 -9.29
C LYS A 144 7.04 -29.26 -9.11
N VAL A 145 7.63 -29.30 -7.92
CA VAL A 145 8.68 -30.27 -7.58
C VAL A 145 8.07 -31.57 -7.06
N ASP A 146 7.11 -31.47 -6.16
CA ASP A 146 6.34 -32.62 -5.69
C ASP A 146 5.03 -32.10 -5.12
N ASP A 147 4.24 -32.98 -4.50
CA ASP A 147 2.89 -32.58 -4.15
C ASP A 147 2.86 -31.39 -3.18
N TYR A 148 3.94 -31.13 -2.43
CA TYR A 148 3.95 -30.01 -1.50
C TYR A 148 5.17 -29.11 -1.67
N THR A 149 5.76 -29.07 -2.87
CA THR A 149 6.96 -28.28 -3.10
C THR A 149 6.85 -27.58 -4.45
N VAL A 150 7.10 -26.26 -4.47
CA VAL A 150 7.03 -25.45 -5.69
C VAL A 150 8.34 -24.69 -5.86
N LYS A 151 8.79 -24.57 -7.11
CA LYS A 151 10.07 -23.93 -7.44
C LYS A 151 9.82 -22.70 -8.30
N PHE A 152 10.50 -21.60 -7.97
CA PHE A 152 10.57 -20.39 -8.80
C PHE A 152 12.00 -20.23 -9.28
N GLU A 153 12.19 -20.18 -10.61
CA GLU A 153 13.51 -20.01 -11.22
C GLU A 153 13.51 -18.69 -11.98
N PHE A 154 14.28 -17.72 -11.48
CA PHE A 154 14.33 -16.43 -12.15
C PHE A 154 15.49 -16.39 -13.13
N PRO A 155 15.40 -15.54 -14.16
CA PRO A 155 16.48 -15.45 -15.15
C PRO A 155 17.69 -14.68 -14.65
N ALA A 156 17.59 -14.07 -13.47
CA ALA A 156 18.69 -13.33 -12.86
C ALA A 156 18.48 -13.37 -11.36
N ALA A 157 19.51 -13.00 -10.61
CA ALA A 157 19.42 -12.99 -9.16
C ALA A 157 18.24 -12.12 -8.71
N ASN A 158 17.56 -12.55 -7.63
CA ASN A 158 16.35 -11.87 -7.16
C ASN A 158 16.39 -11.89 -5.62
N LEU A 159 17.25 -11.04 -5.03
CA LEU A 159 17.48 -11.08 -3.59
C LEU A 159 16.25 -10.64 -2.80
N SER A 160 15.42 -9.78 -3.38
CA SER A 160 14.30 -9.18 -2.65
C SER A 160 13.03 -10.03 -2.68
N PHE A 161 13.06 -11.20 -3.33
CA PHE A 161 11.81 -11.94 -3.51
C PHE A 161 11.15 -12.33 -2.19
N PRO A 162 11.86 -12.81 -1.16
CA PRO A 162 11.16 -13.09 0.10
C PRO A 162 10.44 -11.89 0.68
N GLU A 163 11.03 -10.69 0.61
CA GLU A 163 10.32 -9.50 1.07
C GLU A 163 9.11 -9.21 0.20
N THR A 164 9.27 -9.29 -1.11
CA THR A 164 8.15 -9.07 -2.00
C THR A 164 6.98 -9.98 -1.66
N LEU A 165 7.27 -11.26 -1.38
CA LEU A 165 6.23 -12.23 -1.04
C LEU A 165 5.50 -11.90 0.25
N ALA A 166 6.03 -11.00 1.08
CA ALA A 166 5.39 -10.62 2.33
C ALA A 166 4.53 -9.36 2.20
N THR A 167 4.55 -8.71 1.05
CA THR A 167 3.74 -7.51 0.81
C THR A 167 2.39 -7.90 0.22
N PRO A 168 1.40 -6.99 0.32
CA PRO A 168 0.10 -7.30 -0.30
C PRO A 168 0.21 -7.62 -1.78
N LEU A 169 1.06 -6.90 -2.50
CA LEU A 169 1.16 -7.06 -3.95
C LEU A 169 1.88 -8.34 -4.34
N GLY A 170 2.50 -9.05 -3.40
CA GLY A 170 3.18 -10.28 -3.73
C GLY A 170 2.43 -11.54 -3.34
N GLN A 171 1.12 -11.43 -3.13
CA GLN A 171 0.35 -12.53 -2.56
C GLN A 171 -0.38 -13.38 -3.61
N HIS A 172 -0.25 -13.08 -4.90
CA HIS A 172 -0.91 -13.90 -5.90
C HIS A 172 -0.66 -15.40 -5.76
N PRO A 173 0.54 -15.87 -5.38
CA PRO A 173 0.78 -17.33 -5.35
C PRO A 173 -0.22 -18.11 -4.50
N THR A 174 -0.83 -17.47 -3.50
CA THR A 174 -1.75 -18.16 -2.59
C THR A 174 -3.20 -17.70 -2.77
N LEU A 175 -3.51 -16.95 -3.83
CA LEU A 175 -4.82 -16.31 -3.95
C LEU A 175 -5.81 -17.12 -4.77
N TYR A 176 -5.37 -18.12 -5.53
CA TYR A 176 -6.20 -18.79 -6.52
C TYR A 176 -6.24 -20.29 -6.28
N GLN A 177 -7.40 -20.79 -5.84
CA GLN A 177 -7.59 -22.23 -5.74
C GLN A 177 -7.78 -22.83 -7.14
N LYS A 178 -6.98 -23.84 -7.49
CA LYS A 178 -7.05 -24.37 -8.85
C LYS A 178 -8.45 -24.94 -9.15
N LYS A 179 -9.01 -25.72 -8.24
CA LYS A 179 -10.29 -26.37 -8.55
C LYS A 179 -11.38 -25.35 -8.87
N TYR A 180 -11.61 -24.40 -7.96
CA TYR A 180 -12.66 -23.40 -8.17
C TYR A 180 -12.34 -22.53 -9.38
N CYS A 181 -11.11 -22.02 -9.47
CA CYS A 181 -10.81 -21.03 -10.50
C CYS A 181 -10.73 -21.65 -11.89
N SER A 182 -10.36 -22.93 -11.99
CA SER A 182 -10.22 -23.55 -13.30
C SER A 182 -11.55 -23.59 -14.04
N GLN A 183 -12.68 -23.52 -13.32
CA GLN A 183 -13.99 -23.44 -13.97
C GLN A 183 -14.08 -22.27 -14.92
N PHE A 184 -13.31 -21.22 -14.66
CA PHE A 184 -13.46 -19.96 -15.38
C PHE A 184 -12.29 -19.69 -16.32
N HIS A 185 -11.51 -20.74 -16.62
CA HIS A 185 -10.28 -20.62 -17.38
C HIS A 185 -10.36 -21.50 -18.62
N PRO A 186 -10.14 -20.95 -19.82
CA PRO A 186 -10.35 -21.74 -21.04
C PRO A 186 -9.36 -22.86 -21.23
N ALA A 187 -8.21 -22.85 -20.54
CA ALA A 187 -7.31 -23.99 -20.64
C ALA A 187 -7.89 -25.23 -19.96
N TYR A 188 -8.89 -25.05 -19.09
CA TYR A 188 -9.52 -26.16 -18.39
C TYR A 188 -10.97 -26.36 -18.78
N ASN A 189 -11.74 -25.28 -18.91
CA ASN A 189 -13.15 -25.34 -19.30
C ASN A 189 -13.23 -24.97 -20.77
N LYS A 190 -13.45 -25.96 -21.64
CA LYS A 190 -13.42 -25.70 -23.07
C LYS A 190 -14.70 -25.03 -23.57
N ASN A 191 -15.63 -24.73 -22.68
CA ASN A 191 -16.85 -23.97 -22.99
C ASN A 191 -17.05 -22.90 -21.92
N VAL A 192 -15.98 -22.16 -21.63
CA VAL A 192 -16.04 -21.17 -20.57
C VAL A 192 -17.00 -20.04 -20.93
N GLN A 193 -17.20 -19.81 -22.23
CA GLN A 193 -18.12 -18.75 -22.65
C GLN A 193 -19.53 -18.95 -22.09
N ALA A 194 -19.89 -20.17 -21.70
CA ALA A 194 -21.20 -20.40 -21.09
C ALA A 194 -21.34 -19.74 -19.73
N GLU A 195 -20.24 -19.33 -19.10
CA GLU A 195 -20.28 -18.63 -17.83
C GLU A 195 -20.39 -17.12 -17.98
N PHE A 196 -20.21 -16.59 -19.19
CA PHE A 196 -20.12 -15.15 -19.37
C PHE A 196 -21.41 -14.44 -18.96
N THR A 197 -22.55 -14.89 -19.50
CA THR A 197 -23.79 -14.15 -19.30
C THR A 197 -24.10 -13.99 -17.82
N LYS A 198 -24.02 -15.07 -17.05
CA LYS A 198 -24.38 -15.00 -15.63
C LYS A 198 -23.44 -14.06 -14.88
N ALA A 199 -22.22 -13.87 -15.36
CA ALA A 199 -21.24 -13.03 -14.69
C ALA A 199 -21.20 -11.62 -15.24
N ASN A 200 -22.05 -11.29 -16.21
CA ASN A 200 -22.09 -9.94 -16.79
C ASN A 200 -20.77 -9.57 -17.45
N VAL A 201 -20.15 -10.52 -18.15
CA VAL A 201 -18.90 -10.31 -18.87
C VAL A 201 -19.02 -10.91 -20.28
N LYS A 202 -17.99 -10.68 -21.09
CA LYS A 202 -17.95 -11.22 -22.44
C LYS A 202 -16.58 -11.78 -22.83
N ASP A 203 -15.64 -11.93 -21.89
CA ASP A 203 -14.34 -12.51 -22.17
C ASP A 203 -13.85 -13.20 -20.90
N TRP A 204 -12.87 -14.08 -21.06
CA TRP A 204 -12.54 -14.93 -19.92
C TRP A 204 -11.67 -14.23 -18.88
N PRO A 205 -10.75 -13.32 -19.25
CA PRO A 205 -10.04 -12.59 -18.17
C PRO A 205 -10.97 -11.81 -17.27
N SER A 206 -12.03 -11.23 -17.84
CA SER A 206 -12.99 -10.49 -17.03
C SER A 206 -13.82 -11.43 -16.18
N LEU A 207 -14.16 -12.61 -16.72
CA LEU A 207 -14.79 -13.64 -15.91
C LEU A 207 -13.91 -14.02 -14.72
N MET A 208 -12.63 -14.29 -14.99
CA MET A 208 -11.70 -14.60 -13.90
C MET A 208 -11.64 -13.46 -12.87
N ARG A 209 -11.57 -12.21 -13.33
CA ARG A 209 -11.54 -11.11 -12.37
C ARG A 209 -12.82 -11.05 -11.56
N ALA A 210 -13.97 -11.32 -12.20
CA ALA A 210 -15.25 -11.24 -11.50
C ALA A 210 -15.37 -12.31 -10.44
N LYS A 211 -14.95 -13.54 -10.75
CA LYS A 211 -15.15 -14.68 -9.87
C LYS A 211 -13.96 -14.93 -8.95
N CYS A 212 -12.74 -14.75 -9.46
CA CYS A 212 -11.53 -15.12 -8.74
C CYS A 212 -10.72 -13.92 -8.27
N SER A 213 -10.86 -12.78 -8.96
N SER A 213 -10.88 -12.77 -8.95
CA SER A 213 -10.39 -11.48 -8.50
CA SER A 213 -10.40 -11.47 -8.47
C SER A 213 -8.88 -11.29 -8.60
C SER A 213 -8.88 -11.30 -8.57
N ASP A 214 -8.37 -10.33 -7.83
CA ASP A 214 -6.99 -9.88 -7.88
C ASP A 214 -6.77 -9.09 -6.59
N ILE A 215 -5.52 -8.68 -6.34
CA ILE A 215 -5.14 -8.15 -5.02
C ILE A 215 -6.10 -7.07 -4.54
N GLU A 216 -6.35 -6.08 -5.39
CA GLU A 216 -7.01 -4.83 -5.00
C GLU A 216 -8.34 -4.63 -5.73
N LEU A 217 -8.89 -5.67 -6.33
CA LEU A 217 -10.19 -5.53 -6.98
C LEU A 217 -11.31 -5.63 -5.94
N PRO A 218 -12.33 -4.80 -6.08
CA PRO A 218 -13.50 -4.93 -5.18
C PRO A 218 -14.09 -6.32 -5.20
N SER A 219 -14.01 -7.02 -6.33
CA SER A 219 -14.58 -8.36 -6.42
C SER A 219 -13.93 -9.33 -5.44
N ARG A 220 -12.74 -9.02 -4.93
CA ARG A 220 -12.11 -9.90 -3.95
C ARG A 220 -12.99 -10.08 -2.72
N TRP A 221 -13.82 -9.09 -2.41
CA TRP A 221 -14.62 -9.11 -1.19
C TRP A 221 -16.11 -9.08 -1.46
N SER A 222 -16.53 -9.31 -2.70
CA SER A 222 -17.93 -9.18 -3.08
C SER A 222 -18.66 -10.50 -3.26
N SER A 223 -18.00 -11.64 -3.04
CA SER A 223 -18.68 -12.91 -3.21
C SER A 223 -18.43 -13.79 -1.99
N THR A 224 -19.40 -14.66 -1.72
CA THR A 224 -19.32 -15.59 -0.60
C THR A 224 -18.85 -16.98 -1.04
N GLU A 225 -18.56 -17.18 -2.32
CA GLU A 225 -18.21 -18.51 -2.82
C GLU A 225 -16.76 -18.64 -3.24
N ARG A 226 -15.99 -17.56 -3.30
CA ARG A 226 -14.58 -17.60 -3.68
C ARG A 226 -13.75 -18.19 -2.54
N PRO A 227 -13.14 -19.36 -2.70
CA PRO A 227 -12.37 -19.93 -1.58
C PRO A 227 -11.09 -19.17 -1.34
N SER A 228 -10.62 -19.21 -0.09
CA SER A 228 -9.39 -18.54 0.30
C SER A 228 -8.77 -19.31 1.45
N ILE A 229 -7.59 -18.85 1.88
CA ILE A 229 -6.97 -19.36 3.10
C ILE A 229 -6.95 -18.26 4.16
N ASP A 230 -7.94 -17.35 4.11
CA ASP A 230 -7.97 -16.19 5.00
C ASP A 230 -8.48 -16.58 6.38
N PRO A 231 -8.13 -15.81 7.40
CA PRO A 231 -8.61 -16.14 8.77
C PRO A 231 -10.11 -15.93 8.94
N TRP A 232 -10.72 -15.01 8.19
CA TRP A 232 -12.17 -14.83 8.16
C TRP A 232 -12.62 -14.76 6.70
N LEU A 233 -13.90 -15.08 6.49
CA LEU A 233 -14.47 -15.23 5.17
C LEU A 233 -15.66 -14.29 4.99
N ILE A 234 -15.82 -13.78 3.77
CA ILE A 234 -16.96 -12.90 3.49
C ILE A 234 -18.26 -13.68 3.65
N LYS A 235 -19.18 -13.13 4.44
CA LYS A 235 -20.53 -13.65 4.60
C LYS A 235 -21.58 -12.66 4.13
N GLU A 236 -21.41 -11.37 4.47
CA GLU A 236 -22.20 -10.29 3.89
C GLU A 236 -21.27 -9.46 3.02
N PRO A 237 -21.43 -9.49 1.70
CA PRO A 237 -20.35 -9.03 0.80
C PRO A 237 -20.24 -7.52 0.66
N TYR A 238 -19.03 -7.11 0.25
CA TYR A 238 -18.80 -5.73 -0.13
C TYR A 238 -19.46 -5.50 -1.47
N GLY A 239 -20.03 -4.31 -1.64
CA GLY A 239 -20.77 -4.05 -2.86
C GLY A 239 -20.84 -2.55 -3.09
N GLY A 240 -21.47 -2.20 -4.20
CA GLY A 240 -21.55 -0.79 -4.56
C GLY A 240 -22.33 0.04 -3.58
N ALA A 241 -23.32 -0.56 -2.90
CA ALA A 241 -24.26 0.23 -2.12
C ALA A 241 -24.50 -0.33 -0.72
N VAL A 242 -23.63 -1.20 -0.21
CA VAL A 242 -23.84 -1.78 1.10
C VAL A 242 -23.48 -0.76 2.18
N THR A 243 -24.10 -0.88 3.35
CA THR A 243 -23.73 -0.08 4.51
C THR A 243 -22.86 -0.85 5.52
N ARG A 244 -22.69 -2.16 5.34
CA ARG A 244 -21.82 -2.92 6.22
C ARG A 244 -21.38 -4.19 5.50
N VAL A 245 -20.25 -4.72 5.97
CA VAL A 245 -19.68 -5.98 5.52
C VAL A 245 -19.48 -6.85 6.76
N VAL A 246 -19.73 -8.15 6.62
CA VAL A 246 -19.55 -9.08 7.73
C VAL A 246 -18.72 -10.26 7.25
N MET A 247 -17.71 -10.62 8.05
CA MET A 247 -16.88 -11.79 7.81
C MET A 247 -16.91 -12.71 9.03
N GLU A 248 -16.80 -14.01 8.80
CA GLU A 248 -16.82 -14.96 9.90
C GLU A 248 -15.65 -15.93 9.77
N ARG A 249 -15.28 -16.55 10.89
CA ARG A 249 -14.07 -17.35 10.94
C ARG A 249 -14.04 -18.42 9.85
N ASN A 250 -12.86 -18.64 9.30
CA ASN A 250 -12.58 -19.72 8.37
C ASN A 250 -12.43 -21.04 9.15
N PRO A 251 -13.34 -22.00 8.97
CA PRO A 251 -13.24 -23.25 9.74
C PRO A 251 -12.03 -24.09 9.37
N PHE A 252 -11.38 -23.77 8.25
CA PHE A 252 -10.17 -24.48 7.85
C PHE A 252 -8.93 -23.62 8.01
N TYR A 253 -8.98 -22.59 8.85
CA TYR A 253 -7.77 -21.82 9.05
C TYR A 253 -6.69 -22.72 9.61
N TRP A 254 -5.44 -22.39 9.25
CA TRP A 254 -4.34 -23.35 9.27
C TRP A 254 -3.31 -23.04 10.35
N GLN A 255 -3.71 -22.34 11.41
CA GLN A 255 -2.83 -21.92 12.49
C GLN A 255 -3.45 -22.26 13.84
N VAL A 256 -2.59 -22.47 14.84
CA VAL A 256 -3.03 -22.67 16.21
C VAL A 256 -2.20 -21.78 17.13
N ASP A 257 -2.73 -21.56 18.35
CA ASP A 257 -1.91 -20.88 19.35
C ASP A 257 -1.12 -21.92 20.14
N PRO A 258 -0.28 -21.51 21.09
CA PRO A 258 0.58 -22.48 21.80
C PRO A 258 -0.17 -23.45 22.69
N THR A 259 -1.47 -23.27 22.90
CA THR A 259 -2.27 -24.26 23.63
C THR A 259 -2.97 -25.23 22.69
N GLY A 260 -2.78 -25.10 21.38
CA GLY A 260 -3.45 -25.97 20.44
C GLY A 260 -4.78 -25.47 19.93
N LYS A 261 -5.17 -24.22 20.25
CA LYS A 261 -6.42 -23.67 19.74
C LYS A 261 -6.29 -23.27 18.28
N GLN A 262 -7.20 -23.77 17.45
CA GLN A 262 -7.29 -23.31 16.08
C GLN A 262 -7.72 -21.84 16.04
N LEU A 263 -6.94 -21.01 15.37
CA LEU A 263 -7.24 -19.59 15.25
C LEU A 263 -8.25 -19.37 14.12
N PRO A 264 -8.80 -18.15 14.01
CA PRO A 264 -8.60 -17.00 14.90
C PRO A 264 -9.37 -17.09 16.22
N TYR A 265 -9.04 -16.23 17.17
CA TYR A 265 -9.83 -16.17 18.40
C TYR A 265 -11.19 -15.54 18.16
N VAL A 266 -11.21 -14.38 17.49
CA VAL A 266 -12.44 -13.63 17.27
C VAL A 266 -13.30 -14.33 16.21
N ASP A 267 -14.61 -14.45 16.48
CA ASP A 267 -15.51 -15.18 15.59
C ASP A 267 -15.81 -14.40 14.32
N ARG A 268 -15.96 -13.08 14.43
CA ARG A 268 -16.60 -12.29 13.40
C ARG A 268 -15.93 -10.92 13.32
N ILE A 269 -15.88 -10.36 12.12
CA ILE A 269 -15.51 -8.97 11.90
C ILE A 269 -16.67 -8.28 11.19
N GLN A 270 -17.08 -7.12 11.70
CA GLN A 270 -18.11 -6.33 11.07
C GLN A 270 -17.50 -5.00 10.68
N TYR A 271 -17.71 -4.57 9.44
CA TYR A 271 -17.18 -3.31 8.92
C TYR A 271 -18.35 -2.39 8.63
N ALA A 272 -18.39 -1.25 9.33
CA ALA A 272 -19.27 -0.18 8.89
C ALA A 272 -18.73 0.41 7.61
N VAL A 273 -19.60 0.66 6.64
CA VAL A 273 -19.20 1.26 5.37
C VAL A 273 -19.72 2.69 5.40
N VAL A 274 -18.80 3.65 5.56
CA VAL A 274 -19.14 5.04 5.82
C VAL A 274 -18.36 5.91 4.85
N SER A 275 -19.09 6.67 4.02
CA SER A 275 -18.44 7.50 3.02
C SER A 275 -17.78 8.73 3.65
N ASP A 276 -18.46 9.35 4.61
CA ASP A 276 -18.04 10.64 5.15
C ASP A 276 -16.97 10.44 6.22
N LEU A 277 -15.77 10.94 5.95
CA LEU A 277 -14.66 10.80 6.89
C LEU A 277 -14.96 11.48 8.23
N GLN A 278 -15.76 12.55 8.21
CA GLN A 278 -16.13 13.20 9.47
C GLN A 278 -17.05 12.33 10.32
N ALA A 279 -17.91 11.54 9.68
CA ALA A 279 -18.76 10.63 10.44
C ALA A 279 -17.94 9.51 11.06
N ILE A 280 -16.86 9.09 10.38
CA ILE A 280 -15.98 8.07 10.94
C ILE A 280 -15.28 8.60 12.19
N ILE A 281 -14.79 9.85 12.13
CA ILE A 281 -14.18 10.47 13.31
C ILE A 281 -15.16 10.48 14.47
N LEU A 282 -16.42 10.88 14.19
CA LEU A 282 -17.42 10.93 15.26
C LEU A 282 -17.65 9.56 15.86
N ALA A 283 -17.88 8.56 15.02
CA ALA A 283 -18.12 7.21 15.52
C ALA A 283 -16.92 6.68 16.31
N ALA A 284 -15.70 6.95 15.81
CA ALA A 284 -14.51 6.43 16.46
C ALA A 284 -14.31 7.07 17.83
N THR A 285 -14.54 8.39 17.95
CA THR A 285 -14.36 9.04 19.25
C THR A 285 -15.48 8.68 20.22
N ASN A 286 -16.57 8.09 19.75
CA ASN A 286 -17.61 7.56 20.61
C ASN A 286 -17.42 6.07 20.91
N GLY A 287 -16.29 5.49 20.51
CA GLY A 287 -16.01 4.10 20.85
C GLY A 287 -16.78 3.07 20.06
N GLN A 288 -17.22 3.40 18.83
CA GLN A 288 -17.96 2.46 18.02
C GLN A 288 -17.08 1.41 17.36
N TYR A 289 -15.77 1.61 17.33
CA TYR A 289 -14.88 0.70 16.63
C TYR A 289 -13.88 0.07 17.60
N ASP A 290 -13.65 -1.23 17.44
CA ASP A 290 -12.65 -1.90 18.26
C ASP A 290 -11.25 -1.69 17.74
N ILE A 291 -11.09 -1.35 16.46
CA ILE A 291 -9.79 -1.01 15.93
C ILE A 291 -10.02 0.01 14.81
N GLU A 292 -9.21 1.07 14.81
CA GLU A 292 -9.13 1.96 13.66
C GLU A 292 -7.69 2.41 13.57
N ALA A 293 -6.98 1.90 12.56
CA ALA A 293 -5.54 2.11 12.47
C ALA A 293 -5.15 2.30 11.00
N ARG A 294 -6.00 3.01 10.26
CA ARG A 294 -5.76 3.16 8.82
C ARG A 294 -6.24 4.52 8.31
N LEU A 295 -7.43 4.94 8.73
CA LEU A 295 -8.09 6.08 8.11
C LEU A 295 -7.88 7.40 8.83
N LEU A 296 -7.82 7.37 10.16
CA LEU A 296 -7.88 8.61 10.93
C LEU A 296 -6.53 9.12 11.40
N GLY A 297 -5.49 8.28 11.38
CA GLY A 297 -4.26 8.60 12.06
C GLY A 297 -3.26 9.46 11.32
N SER A 298 -3.35 9.49 9.97
CA SER A 298 -2.36 10.20 9.17
C SER A 298 -2.58 11.69 9.14
N ASP A 299 -3.76 12.15 9.53
CA ASP A 299 -4.06 13.56 9.56
C ASP A 299 -4.13 13.97 11.03
N VAL A 300 -3.10 14.68 11.48
CA VAL A 300 -2.94 14.98 12.90
C VAL A 300 -4.03 15.92 13.42
N THR A 301 -4.84 16.52 12.53
CA THR A 301 -5.85 17.46 13.00
C THR A 301 -6.92 16.78 13.85
N SER A 302 -7.06 15.45 13.74
N SER A 302 -7.06 15.46 13.75
CA SER A 302 -8.01 14.70 14.54
CA SER A 302 -8.03 14.74 14.57
C SER A 302 -7.42 14.21 15.85
C SER A 302 -7.42 14.19 15.85
N ARG A 303 -6.10 14.31 16.03
CA ARG A 303 -5.47 13.74 17.21
C ARG A 303 -5.98 14.36 18.52
N PRO A 304 -6.17 15.67 18.63
CA PRO A 304 -6.67 16.21 19.91
C PRO A 304 -8.00 15.59 20.31
N LEU A 305 -8.94 15.49 19.36
CA LEU A 305 -10.25 14.91 19.68
C LEU A 305 -10.12 13.44 20.03
N MET A 306 -9.30 12.71 19.29
CA MET A 306 -9.12 11.28 19.56
C MET A 306 -8.57 11.07 20.97
N LEU A 307 -7.52 11.81 21.33
CA LEU A 307 -6.95 11.69 22.66
C LEU A 307 -7.97 12.04 23.73
N LYS A 308 -8.72 13.13 23.53
CA LYS A 308 -9.63 13.62 24.56
C LYS A 308 -10.71 12.60 24.89
N ASN A 309 -11.16 11.83 23.91
CA ASN A 309 -12.31 10.95 24.09
C ASN A 309 -11.94 9.50 24.39
N GLN A 310 -10.68 9.21 24.72
CA GLN A 310 -10.29 7.85 25.06
C GLN A 310 -11.12 7.29 26.20
N GLN A 311 -11.19 8.02 27.31
CA GLN A 311 -11.91 7.52 28.48
C GLN A 311 -13.40 7.32 28.18
N LYS A 312 -14.01 8.31 27.55
CA LYS A 312 -15.45 8.23 27.26
C LYS A 312 -15.76 7.13 26.25
N GLY A 313 -14.87 6.92 25.28
CA GLY A 313 -15.08 5.92 24.26
C GLY A 313 -14.56 4.54 24.61
N GLY A 314 -13.83 4.43 25.71
CA GLY A 314 -13.28 3.15 26.13
C GLY A 314 -12.22 2.61 25.18
N TYR A 315 -11.39 3.47 24.61
CA TYR A 315 -10.33 3.03 23.71
C TYR A 315 -9.00 3.65 24.13
N LYS A 316 -7.94 3.15 23.50
CA LYS A 316 -6.59 3.62 23.73
C LYS A 316 -5.99 4.06 22.40
N VAL A 317 -5.50 5.30 22.34
CA VAL A 317 -4.72 5.74 21.19
C VAL A 317 -3.30 5.21 21.32
N PHE A 318 -2.80 4.59 20.26
CA PHE A 318 -1.39 4.24 20.20
C PHE A 318 -0.80 4.91 18.97
N GLY A 319 0.40 5.47 19.13
CA GLY A 319 1.05 6.20 18.06
C GLY A 319 1.95 5.28 17.28
N GLN A 320 1.83 5.32 15.96
CA GLN A 320 2.68 4.51 15.09
C GLN A 320 3.62 5.40 14.30
N THR A 321 4.79 4.87 13.99
CA THR A 321 5.74 5.56 13.13
C THR A 321 5.41 5.24 11.68
N SER A 322 5.14 6.28 10.89
CA SER A 322 4.84 6.09 9.48
C SER A 322 6.11 5.78 8.70
N ALA A 323 6.00 4.86 7.73
CA ALA A 323 7.09 4.59 6.81
C ALA A 323 7.28 5.69 5.78
N ASN A 324 6.30 6.57 5.59
CA ASN A 324 6.41 7.58 4.55
C ASN A 324 7.45 8.64 4.89
N ALA A 325 8.22 9.04 3.88
CA ALA A 325 9.17 10.13 4.04
C ALA A 325 8.46 11.48 4.21
N ASN A 326 7.35 11.66 3.51
CA ASN A 326 6.68 12.95 3.58
C ASN A 326 5.18 12.75 3.70
N ALA A 327 4.56 13.54 4.58
CA ALA A 327 3.12 13.45 4.78
C ALA A 327 2.31 14.10 3.66
N ALA A 328 2.88 15.06 2.94
CA ALA A 328 2.12 15.83 1.96
C ALA A 328 3.08 16.46 0.96
N GLY A 329 3.57 15.64 0.03
CA GLY A 329 4.58 16.10 -0.90
C GLY A 329 3.96 16.62 -2.18
N LEU A 330 4.66 17.57 -2.81
CA LEU A 330 4.26 18.12 -4.09
C LEU A 330 4.90 17.32 -5.20
N TRP A 331 4.07 16.56 -5.92
CA TRP A 331 4.51 15.81 -7.10
C TRP A 331 4.36 16.73 -8.32
N LEU A 332 5.49 17.23 -8.83
CA LEU A 332 5.46 18.17 -9.97
C LEU A 332 5.45 17.38 -11.27
N ASN A 333 4.52 17.73 -12.16
CA ASN A 333 4.29 16.95 -13.39
C ASN A 333 5.23 17.41 -14.49
N GLN A 334 6.29 16.62 -14.74
CA GLN A 334 7.22 16.88 -15.83
C GLN A 334 6.56 16.86 -17.20
N THR A 335 5.42 16.18 -17.33
CA THR A 335 4.70 16.10 -18.60
C THR A 335 3.38 16.89 -18.55
N THR A 336 3.36 17.99 -17.79
CA THR A 336 2.20 18.86 -17.79
C THR A 336 1.84 19.28 -19.21
N LYS A 337 0.54 19.29 -19.49
CA LYS A 337 0.05 19.70 -20.80
C LYS A 337 0.14 21.21 -21.00
N ASN A 338 0.41 21.96 -19.92
CA ASN A 338 0.61 23.42 -20.00
C ASN A 338 1.97 23.69 -20.62
N GLU A 339 1.97 24.09 -21.90
CA GLU A 339 3.23 24.18 -22.65
C GLU A 339 4.13 25.28 -22.10
N LYS A 340 3.56 26.43 -21.75
CA LYS A 340 4.40 27.52 -21.22
C LYS A 340 5.02 27.11 -19.89
N LEU A 341 4.20 26.57 -18.98
CA LEU A 341 4.73 26.11 -17.70
C LEU A 341 5.79 25.02 -17.88
N ARG A 342 5.57 24.09 -18.81
CA ARG A 342 6.49 22.96 -18.95
C ARG A 342 7.91 23.42 -19.21
N LYS A 343 8.09 24.53 -19.92
CA LYS A 343 9.44 25.06 -20.19
C LYS A 343 10.20 25.35 -18.89
N TYR A 344 9.48 25.73 -17.84
CA TYR A 344 10.10 26.02 -16.55
C TYR A 344 10.04 24.83 -15.60
N MET A 345 8.93 24.08 -15.63
CA MET A 345 8.78 22.92 -14.77
C MET A 345 9.96 21.95 -14.92
N THR A 346 10.49 21.82 -16.14
CA THR A 346 11.55 20.88 -16.40
C THR A 346 12.92 21.39 -16.01
N GLN A 347 13.03 22.62 -15.50
CA GLN A 347 14.32 23.17 -15.06
C GLN A 347 14.51 22.95 -13.56
N HIS A 348 15.63 22.33 -13.20
CA HIS A 348 15.92 22.10 -11.79
C HIS A 348 15.77 23.38 -10.96
N ASP A 349 16.32 24.49 -11.45
CA ASP A 349 16.37 25.68 -10.62
C ASP A 349 14.98 26.26 -10.37
N PHE A 350 14.04 26.03 -11.29
CA PHE A 350 12.65 26.46 -11.04
C PHE A 350 12.05 25.67 -9.87
N ARG A 351 12.27 24.35 -9.84
CA ARG A 351 11.75 23.55 -8.75
C ARG A 351 12.43 23.92 -7.43
N GLN A 352 13.73 24.18 -7.47
CA GLN A 352 14.45 24.70 -6.32
C GLN A 352 13.81 25.99 -5.80
N ALA A 353 13.53 26.92 -6.71
CA ALA A 353 12.94 28.19 -6.30
C ALA A 353 11.62 27.97 -5.58
N LEU A 354 10.76 27.10 -6.12
CA LEU A 354 9.47 26.84 -5.48
C LEU A 354 9.68 26.30 -4.07
N SER A 355 10.69 25.44 -3.88
CA SER A 355 10.95 24.91 -2.55
C SER A 355 11.46 25.99 -1.60
N LEU A 356 12.33 26.88 -2.10
CA LEU A 356 12.89 27.93 -1.25
C LEU A 356 11.84 29.00 -0.90
N ALA A 357 10.78 29.11 -1.69
CA ALA A 357 9.72 30.05 -1.36
C ALA A 357 8.75 29.52 -0.32
N MET A 358 8.89 28.25 0.06
N MET A 358 8.89 28.26 0.08
CA MET A 358 7.99 27.62 1.02
CA MET A 358 7.96 27.67 1.02
C MET A 358 8.49 27.85 2.45
C MET A 358 8.47 27.82 2.44
N ASP A 359 7.54 28.04 3.37
CA ASP A 359 7.84 28.19 4.80
C ASP A 359 7.31 26.95 5.50
N ARG A 360 8.17 25.94 5.64
CA ARG A 360 7.73 24.69 6.23
C ARG A 360 7.50 24.78 7.73
N ASP A 361 8.12 25.74 8.40
N ASP A 361 8.11 25.75 8.40
CA ASP A 361 7.82 25.96 9.82
CA ASP A 361 7.79 25.92 9.83
C ASP A 361 6.37 26.38 9.98
C ASP A 361 6.37 26.41 10.01
N GLU A 362 5.92 27.35 9.17
CA GLU A 362 4.52 27.77 9.21
C GLU A 362 3.60 26.59 8.91
N ILE A 363 3.91 25.83 7.85
CA ILE A 363 3.10 24.66 7.51
C ILE A 363 3.01 23.72 8.70
N ASN A 364 4.15 23.43 9.32
CA ASN A 364 4.15 22.49 10.45
C ASN A 364 3.33 23.03 11.62
N LYS A 365 3.58 24.29 12.01
CA LYS A 365 2.94 24.81 13.20
C LYS A 365 1.43 24.96 13.01
N VAL A 366 0.99 25.35 11.82
CA VAL A 366 -0.43 25.64 11.60
C VAL A 366 -1.17 24.39 11.15
N ALA A 367 -0.78 23.83 10.00
CA ALA A 367 -1.54 22.71 9.44
C ALA A 367 -1.31 21.42 10.22
N TRP A 368 -0.14 21.23 10.80
CA TRP A 368 0.18 19.98 11.48
C TRP A 368 0.32 20.15 12.99
N LEU A 369 -0.19 21.25 13.54
CA LEU A 369 -0.23 21.48 14.99
C LEU A 369 1.16 21.40 15.64
N GLY A 370 2.19 21.67 14.86
CA GLY A 370 3.55 21.59 15.34
C GLY A 370 4.06 20.19 15.58
N GLN A 371 3.34 19.16 15.13
CA GLN A 371 3.65 17.77 15.45
C GLN A 371 4.48 17.07 14.38
N ALA A 372 4.72 17.70 13.25
CA ALA A 372 5.51 17.12 12.18
C ALA A 372 6.89 17.79 12.17
N ALA A 373 7.60 17.70 11.05
CA ALA A 373 8.91 18.34 10.96
C ALA A 373 9.23 18.56 9.49
N PRO A 374 9.89 19.66 9.12
CA PRO A 374 10.22 19.88 7.71
C PRO A 374 11.07 18.74 7.16
N TRP A 375 10.78 18.36 5.92
CA TRP A 375 11.51 17.27 5.28
C TRP A 375 11.22 17.30 3.79
N GLN A 376 12.17 16.78 3.00
CA GLN A 376 11.92 16.58 1.56
C GLN A 376 11.41 15.16 1.30
N SER A 377 12.10 14.38 0.46
CA SER A 377 11.58 13.10 0.02
C SER A 377 12.40 11.88 0.45
N GLY A 378 13.57 12.07 1.05
CA GLY A 378 14.50 10.98 1.28
C GLY A 378 14.20 10.08 2.46
N PRO A 379 14.82 8.88 2.45
CA PRO A 379 14.74 8.00 3.63
C PRO A 379 15.19 8.69 4.91
N PHE A 380 14.71 8.20 6.05
CA PHE A 380 15.07 8.72 7.36
C PHE A 380 16.49 8.30 7.75
N LYS A 381 17.04 9.01 8.73
CA LYS A 381 18.39 8.68 9.20
C LYS A 381 18.49 7.27 9.76
N GLU A 382 17.38 6.72 10.25
CA GLU A 382 17.39 5.35 10.78
C GLU A 382 17.58 4.30 9.70
N SER A 383 17.43 4.68 8.43
CA SER A 383 17.51 3.75 7.31
C SER A 383 18.89 3.74 6.68
N LYS A 384 19.35 2.56 6.27
CA LYS A 384 20.60 2.47 5.51
C LYS A 384 20.56 3.25 4.22
N TRP A 385 19.38 3.66 3.76
CA TRP A 385 19.24 4.40 2.50
C TRP A 385 19.34 5.91 2.69
N TYR A 386 19.57 6.39 3.91
CA TYR A 386 19.63 7.82 4.17
C TYR A 386 20.60 8.52 3.22
N ASN A 387 20.10 9.61 2.61
CA ASN A 387 20.87 10.51 1.76
C ASN A 387 20.60 11.93 2.24
N GLU A 388 21.63 12.61 2.74
CA GLU A 388 21.40 13.90 3.39
C GLU A 388 20.82 14.92 2.41
N LYS A 389 21.35 14.98 1.20
CA LYS A 389 20.84 15.92 0.21
C LYS A 389 19.38 15.64 -0.10
N LEU A 390 19.04 14.36 -0.33
CA LEU A 390 17.66 14.01 -0.69
C LEU A 390 16.70 14.35 0.42
N ALA A 391 17.17 14.30 1.68
CA ALA A 391 16.28 14.56 2.83
C ALA A 391 16.14 16.05 3.12
N THR A 392 17.20 16.85 2.97
CA THR A 392 17.27 18.16 3.63
C THR A 392 17.62 19.33 2.73
N GLN A 393 17.90 19.12 1.45
CA GLN A 393 18.22 20.26 0.60
C GLN A 393 17.00 21.17 0.45
N TYR A 394 17.26 22.47 0.38
CA TYR A 394 16.27 23.48 0.02
C TYR A 394 15.10 23.52 1.02
N LEU A 395 15.36 23.19 2.28
CA LEU A 395 14.29 23.12 3.27
C LEU A 395 14.00 24.48 3.91
N LYS A 396 15.02 25.33 4.03
CA LYS A 396 14.87 26.60 4.74
C LYS A 396 14.29 27.67 3.83
N LEU A 397 13.29 28.39 4.32
CA LEU A 397 12.74 29.52 3.56
C LEU A 397 13.86 30.47 3.17
N ASP A 398 13.95 30.76 1.88
CA ASP A 398 14.89 31.75 1.34
C ASP A 398 14.17 32.44 0.20
N LEU A 399 13.23 33.32 0.57
CA LEU A 399 12.39 33.98 -0.42
C LEU A 399 13.21 34.83 -1.37
N ALA A 400 14.24 35.50 -0.86
CA ALA A 400 15.06 36.35 -1.73
C ALA A 400 15.74 35.52 -2.81
N GLN A 401 16.28 34.35 -2.44
CA GLN A 401 16.92 33.50 -3.45
C GLN A 401 15.90 32.91 -4.42
N ALA A 402 14.72 32.52 -3.93
CA ALA A 402 13.66 32.10 -4.83
C ALA A 402 13.35 33.18 -5.87
N ASN A 403 13.18 34.41 -5.42
CA ASN A 403 12.86 35.48 -6.36
C ASN A 403 14.02 35.75 -7.31
N GLN A 404 15.25 35.63 -6.79
CA GLN A 404 16.43 35.81 -7.64
C GLN A 404 16.48 34.76 -8.74
N ILE A 405 16.20 33.51 -8.41
CA ILE A 405 16.21 32.45 -9.42
C ILE A 405 15.14 32.72 -10.48
N LEU A 406 13.91 33.00 -10.02
CA LEU A 406 12.83 33.24 -10.96
C LEU A 406 13.14 34.41 -11.88
N ASP A 407 13.75 35.47 -11.34
CA ASP A 407 14.24 36.57 -12.18
C ASP A 407 15.22 36.05 -13.22
N ARG A 408 16.20 35.25 -12.77
CA ARG A 408 17.24 34.76 -13.68
C ARG A 408 16.66 33.88 -14.78
N LEU A 409 15.59 33.14 -14.49
CA LEU A 409 14.94 32.32 -15.50
C LEU A 409 14.16 33.14 -16.52
N GLY A 410 14.04 34.45 -16.34
CA GLY A 410 13.32 35.30 -17.27
C GLY A 410 11.86 35.54 -16.94
N LEU A 411 11.43 35.19 -15.74
CA LEU A 411 10.03 35.35 -15.34
C LEU A 411 9.81 36.70 -14.66
N THR A 412 10.29 37.76 -15.33
CA THR A 412 10.35 39.09 -14.73
C THR A 412 9.18 39.99 -15.09
N LYS A 413 8.45 39.71 -16.16
CA LYS A 413 7.27 40.51 -16.45
C LYS A 413 6.21 40.30 -15.38
N ARG A 414 5.39 41.32 -15.17
CA ARG A 414 4.35 41.27 -14.13
C ARG A 414 2.99 41.60 -14.73
N ASP A 415 1.96 40.99 -14.17
CA ASP A 415 0.59 41.27 -14.59
C ASP A 415 -0.06 42.27 -13.64
N SER A 416 -1.34 42.57 -13.90
CA SER A 416 -2.00 43.66 -13.18
C SER A 416 -2.23 43.34 -11.72
N ASP A 417 -2.16 42.07 -11.33
CA ASP A 417 -2.23 41.68 -9.93
C ASP A 417 -0.86 41.48 -9.30
N GLY A 418 0.22 41.73 -10.04
CA GLY A 418 1.55 41.63 -9.48
C GLY A 418 2.19 40.26 -9.61
N TYR A 419 1.53 39.31 -10.26
CA TYR A 419 2.14 38.00 -10.46
C TYR A 419 3.16 38.05 -11.58
N ARG A 420 4.15 37.17 -11.51
CA ARG A 420 5.04 36.95 -12.64
C ARG A 420 4.27 36.36 -13.81
N THR A 421 4.71 36.68 -15.03
CA THR A 421 4.17 36.11 -16.25
C THR A 421 5.28 35.47 -17.06
N TYR A 422 4.88 34.61 -17.99
CA TYR A 422 5.80 34.11 -18.98
C TYR A 422 6.21 35.24 -19.93
N PRO A 423 7.36 35.09 -20.60
CA PRO A 423 7.82 36.17 -21.48
C PRO A 423 6.83 36.54 -22.57
N ASP A 424 5.96 35.62 -22.99
CA ASP A 424 4.94 35.91 -23.97
C ASP A 424 3.54 36.00 -23.35
N GLY A 425 3.49 36.35 -22.06
CA GLY A 425 2.23 36.56 -21.39
C GLY A 425 1.71 35.30 -20.71
N GLY A 426 0.83 35.52 -19.73
CA GLY A 426 0.25 34.42 -18.98
C GLY A 426 0.83 34.32 -17.58
N ARG A 427 -0.04 34.31 -16.57
CA ARG A 427 0.42 34.22 -15.19
C ARG A 427 1.17 32.91 -14.96
N VAL A 428 2.30 32.99 -14.26
CA VAL A 428 2.99 31.77 -13.84
C VAL A 428 2.09 31.08 -12.81
N SER A 429 1.41 30.02 -13.21
CA SER A 429 0.32 29.46 -12.43
C SER A 429 0.36 27.94 -12.51
N LEU A 430 0.24 27.27 -11.37
CA LEU A 430 0.29 25.82 -11.31
C LEU A 430 -0.99 25.29 -10.67
N ASP A 431 -1.64 24.33 -11.33
CA ASP A 431 -2.83 23.66 -10.81
C ASP A 431 -2.40 22.50 -9.93
N ALA A 432 -2.83 22.49 -8.67
CA ALA A 432 -2.53 21.43 -7.70
C ALA A 432 -3.80 20.66 -7.38
N ILE A 433 -3.79 19.35 -7.61
CA ILE A 433 -4.95 18.54 -7.26
C ILE A 433 -4.76 17.96 -5.87
N VAL A 434 -5.86 17.86 -5.12
CA VAL A 434 -5.82 17.39 -3.74
C VAL A 434 -7.17 16.75 -3.43
N MET A 435 -7.17 15.75 -2.55
CA MET A 435 -8.41 15.17 -2.06
C MET A 435 -8.96 16.07 -0.97
N ILE A 436 -10.20 16.53 -1.15
CA ILE A 436 -10.71 17.62 -0.31
C ILE A 436 -10.88 17.19 1.13
N ASP A 437 -11.06 15.91 1.41
CA ASP A 437 -11.26 15.46 2.79
C ASP A 437 -9.96 15.21 3.52
N ARG A 438 -8.80 15.48 2.90
CA ARG A 438 -7.50 15.40 3.56
C ARG A 438 -7.21 16.79 4.12
N GLN A 439 -7.73 17.06 5.31
CA GLN A 439 -7.76 18.42 5.86
C GLN A 439 -6.35 19.03 5.94
N ALA A 440 -5.40 18.31 6.54
CA ALA A 440 -4.06 18.87 6.70
C ALA A 440 -3.41 19.14 5.34
N MET A 441 -3.65 18.28 4.34
CA MET A 441 -3.10 18.52 3.01
C MET A 441 -3.73 19.75 2.37
N VAL A 442 -5.04 19.92 2.50
CA VAL A 442 -5.68 21.11 1.93
C VAL A 442 -5.15 22.36 2.60
N GLN A 443 -5.07 22.35 3.94
CA GLN A 443 -4.54 23.51 4.65
C GLN A 443 -3.10 23.79 4.27
N THR A 444 -2.31 22.73 4.09
CA THR A 444 -0.94 22.92 3.62
C THR A 444 -0.88 23.64 2.29
N LEU A 445 -1.75 23.24 1.35
CA LEU A 445 -1.77 23.91 0.05
C LEU A 445 -2.16 25.38 0.19
N GLU A 446 -3.11 25.70 1.08
CA GLU A 446 -3.49 27.11 1.22
C GLU A 446 -2.31 27.94 1.71
N LEU A 447 -1.55 27.40 2.66
CA LEU A 447 -0.37 28.12 3.15
C LEU A 447 0.69 28.26 2.05
N ILE A 448 0.92 27.19 1.27
CA ILE A 448 1.86 27.32 0.16
C ILE A 448 1.38 28.36 -0.84
N ARG A 449 0.08 28.39 -1.10
CA ARG A 449 -0.44 29.39 -2.03
C ARG A 449 -0.06 30.79 -1.59
N ARG A 450 -0.24 31.09 -0.30
CA ARG A 450 0.10 32.42 0.20
C ARG A 450 1.60 32.66 0.13
N GLN A 451 2.39 31.64 0.47
CA GLN A 451 3.84 31.78 0.42
C GLN A 451 4.33 32.04 -0.99
N TRP A 452 3.79 31.30 -1.97
CA TRP A 452 4.28 31.46 -3.33
C TRP A 452 3.83 32.77 -3.94
N GLN A 453 2.73 33.34 -3.45
CA GLN A 453 2.31 34.66 -3.91
C GLN A 453 3.42 35.69 -3.71
N LYS A 454 4.19 35.54 -2.62
CA LYS A 454 5.30 36.44 -2.35
C LYS A 454 6.46 36.25 -3.33
N ALA A 455 6.47 35.14 -4.06
CA ALA A 455 7.41 34.94 -5.15
C ALA A 455 6.77 35.20 -6.51
N GLY A 456 5.57 35.79 -6.52
CA GLY A 456 4.88 36.08 -7.77
C GLY A 456 4.36 34.87 -8.51
N VAL A 457 4.16 33.73 -7.83
CA VAL A 457 3.70 32.49 -8.44
C VAL A 457 2.31 32.15 -7.88
N GLU A 458 1.41 31.76 -8.78
CA GLU A 458 0.04 31.41 -8.40
C GLU A 458 -0.08 29.90 -8.26
N LEU A 459 -0.56 29.44 -7.11
CA LEU A 459 -1.00 28.07 -6.92
C LEU A 459 -2.53 28.04 -6.98
N VAL A 460 -3.08 27.24 -7.88
CA VAL A 460 -4.51 27.04 -7.99
C VAL A 460 -4.85 25.71 -7.34
N ILE A 461 -5.68 25.73 -6.31
CA ILE A 461 -5.98 24.55 -5.51
C ILE A 461 -7.26 23.91 -6.03
N LYS A 462 -7.15 22.70 -6.57
CA LYS A 462 -8.28 21.99 -7.16
C LYS A 462 -8.60 20.79 -6.27
N GLY A 463 -9.48 21.00 -5.29
CA GLY A 463 -9.83 19.95 -4.36
C GLY A 463 -11.06 19.20 -4.83
N SER A 464 -11.06 17.88 -4.62
CA SER A 464 -12.19 17.08 -5.08
C SER A 464 -12.32 15.81 -4.26
N GLU A 465 -13.40 15.08 -4.54
CA GLU A 465 -13.50 13.72 -4.05
C GLU A 465 -12.39 12.85 -4.66
N ARG A 466 -12.17 11.68 -4.05
CA ARG A 466 -11.06 10.83 -4.45
C ARG A 466 -11.16 10.40 -5.90
N SER A 467 -12.37 10.07 -6.37
CA SER A 467 -12.50 9.55 -7.73
C SER A 467 -12.07 10.58 -8.78
N LEU A 468 -12.47 11.83 -8.59
CA LEU A 468 -12.08 12.86 -9.55
C LEU A 468 -10.59 13.20 -9.44
N PHE A 469 -10.05 13.10 -8.23
CA PHE A 469 -8.60 13.28 -8.03
C PHE A 469 -7.82 12.24 -8.82
N TYR A 470 -8.26 10.99 -8.78
CA TYR A 470 -7.56 9.97 -9.56
C TYR A 470 -7.84 10.10 -11.05
N ASN A 471 -9.05 10.52 -11.44
CA ASN A 471 -9.31 10.72 -12.86
C ASN A 471 -8.49 11.89 -13.40
N ARG A 472 -8.24 12.91 -12.59
CA ARG A 472 -7.39 13.99 -13.04
C ARG A 472 -5.94 13.51 -13.18
N ALA A 473 -5.49 12.67 -12.26
CA ALA A 473 -4.12 12.16 -12.35
C ALA A 473 -3.91 11.31 -13.60
N THR A 474 -4.79 10.33 -13.83
CA THR A 474 -4.57 9.44 -14.96
C THR A 474 -4.83 10.11 -16.30
N ALA A 475 -5.55 11.23 -16.30
CA ALA A 475 -5.70 12.04 -17.50
C ALA A 475 -4.49 12.96 -17.72
N ASN A 476 -3.48 12.88 -16.87
CA ASN A 476 -2.31 13.76 -16.95
C ASN A 476 -2.73 15.24 -16.81
N ASP A 477 -3.79 15.49 -16.06
CA ASP A 477 -4.43 16.81 -15.97
C ASP A 477 -4.17 17.44 -14.60
N TYR A 478 -2.90 17.77 -14.37
CA TYR A 478 -2.48 18.46 -13.17
C TYR A 478 -1.07 18.97 -13.41
N ASP A 479 -0.71 20.04 -12.71
CA ASP A 479 0.68 20.46 -12.66
C ASP A 479 1.37 19.98 -11.39
N ILE A 480 0.62 19.93 -10.29
CA ILE A 480 1.06 19.39 -9.02
C ILE A 480 -0.01 18.45 -8.50
N SER A 481 0.41 17.33 -7.91
CA SER A 481 -0.48 16.46 -7.14
C SER A 481 0.10 16.36 -5.73
N ILE A 482 -0.74 16.53 -4.70
CA ILE A 482 -0.26 16.43 -3.31
C ILE A 482 -0.72 15.11 -2.73
N ASP A 483 0.23 14.33 -2.20
CA ASP A 483 -0.03 13.10 -1.46
C ASP A 483 1.30 12.70 -0.83
N VAL A 484 1.29 11.62 -0.06
CA VAL A 484 2.52 11.22 0.63
C VAL A 484 3.67 10.92 -0.34
N PHE A 485 4.91 11.05 0.18
CA PHE A 485 6.09 10.44 -0.44
C PHE A 485 6.43 9.22 0.39
N PRO A 486 6.29 8.00 -0.11
CA PRO A 486 6.86 6.85 0.61
C PRO A 486 8.37 6.90 0.58
N GLY A 487 8.98 6.13 1.47
CA GLY A 487 10.42 5.94 1.40
C GLY A 487 11.19 6.23 2.68
N GLY A 488 10.53 6.76 3.71
CA GLY A 488 11.22 7.04 4.95
C GLY A 488 11.84 5.78 5.55
N LEU A 489 11.06 4.70 5.58
CA LEU A 489 11.52 3.39 6.02
C LEU A 489 11.41 2.30 4.95
N ASP A 490 10.67 2.54 3.87
CA ASP A 490 10.30 1.48 2.93
C ASP A 490 10.76 1.80 1.50
N ALA A 491 11.93 2.42 1.35
CA ALA A 491 12.32 2.97 0.06
C ALA A 491 12.35 1.92 -1.05
N THR A 492 12.97 0.75 -0.80
CA THR A 492 13.04 -0.22 -1.91
C THR A 492 11.71 -0.95 -2.12
N LEU A 493 10.87 -1.03 -1.10
CA LEU A 493 9.54 -1.61 -1.26
C LEU A 493 8.57 -0.67 -1.97
N ASN A 494 8.86 0.63 -1.97
CA ASN A 494 7.88 1.64 -2.34
C ASN A 494 8.64 2.81 -2.94
N PRO A 495 9.28 2.61 -4.11
CA PRO A 495 10.24 3.61 -4.61
C PRO A 495 9.64 4.69 -5.51
N ARG A 496 8.32 4.84 -5.48
CA ARG A 496 7.59 5.65 -6.47
C ARG A 496 8.07 7.11 -6.54
N ALA A 497 8.62 7.65 -5.45
CA ALA A 497 9.04 9.04 -5.46
C ALA A 497 10.42 9.25 -6.06
N TYR A 498 11.18 8.17 -6.26
CA TYR A 498 12.55 8.28 -6.73
C TYR A 498 12.73 7.84 -8.17
N VAL A 499 11.85 6.99 -8.67
CA VAL A 499 11.92 6.50 -10.05
C VAL A 499 10.48 6.20 -10.47
N ALA A 500 10.15 6.53 -11.72
CA ALA A 500 8.76 6.56 -12.17
C ALA A 500 8.33 5.15 -12.60
N VAL A 501 8.03 4.32 -11.60
CA VAL A 501 7.68 2.92 -11.83
C VAL A 501 6.27 2.57 -11.38
N HIS A 502 5.57 3.47 -10.70
CA HIS A 502 4.22 3.19 -10.21
C HIS A 502 3.22 3.86 -11.14
N PRO A 503 2.31 3.09 -11.76
CA PRO A 503 1.47 3.64 -12.83
C PRO A 503 0.40 4.62 -12.36
N LEU A 504 0.10 4.66 -11.06
CA LEU A 504 -0.88 5.63 -10.56
C LEU A 504 -0.30 6.67 -9.63
N GLU A 505 0.88 6.43 -9.06
CA GLU A 505 1.37 7.28 -8.00
C GLU A 505 2.73 7.91 -8.28
N SER A 506 3.45 7.51 -9.32
CA SER A 506 4.71 8.17 -9.65
C SER A 506 4.41 9.45 -10.44
N ARG A 507 3.87 10.44 -9.72
CA ARG A 507 3.24 11.55 -10.42
C ARG A 507 4.21 12.67 -10.83
N MET A 508 5.52 12.47 -10.72
CA MET A 508 6.39 13.32 -11.52
C MET A 508 6.11 13.10 -13.00
N SER A 509 5.60 11.93 -13.37
CA SER A 509 4.86 11.75 -14.62
C SER A 509 4.34 10.33 -14.75
N LEU A 510 3.01 10.16 -14.75
CA LEU A 510 2.45 8.83 -14.98
C LEU A 510 2.65 8.38 -16.41
N GLU A 511 2.91 9.32 -17.32
CA GLU A 511 3.23 8.95 -18.69
C GLU A 511 4.63 8.35 -18.78
N TRP A 512 5.59 8.89 -18.00
CA TRP A 512 6.88 8.22 -17.86
C TRP A 512 6.73 6.82 -17.30
N ALA A 513 5.90 6.65 -16.26
CA ALA A 513 5.73 5.32 -15.70
C ALA A 513 5.10 4.39 -16.71
N LYS A 514 4.15 4.90 -17.52
CA LYS A 514 3.54 4.09 -18.57
C LYS A 514 4.58 3.63 -19.59
N TRP A 515 5.53 4.50 -19.92
CA TRP A 515 6.64 4.14 -20.80
C TRP A 515 7.49 3.03 -20.18
N TYR A 516 7.81 3.15 -18.89
CA TYR A 516 8.63 2.14 -18.24
C TYR A 516 7.94 0.77 -18.24
N LEU A 517 6.67 0.74 -17.88
CA LEU A 517 5.98 -0.53 -17.69
C LEU A 517 5.64 -1.19 -19.03
N SER A 518 5.50 -0.41 -20.10
CA SER A 518 5.19 -0.93 -21.42
C SER A 518 6.44 -1.19 -22.26
N GLY A 519 7.62 -1.10 -21.66
CA GLY A 519 8.84 -1.27 -22.43
C GLY A 519 8.99 -0.28 -23.55
N GLY A 520 8.42 0.92 -23.40
CA GLY A 520 8.56 1.96 -24.38
C GLY A 520 7.50 1.96 -25.48
N LYS A 521 6.54 1.04 -25.42
CA LYS A 521 5.50 0.99 -26.45
C LYS A 521 4.43 2.07 -26.25
N GLN A 522 4.24 2.54 -25.02
CA GLN A 522 3.24 3.53 -24.69
C GLN A 522 3.86 4.63 -23.84
N GLY A 523 3.05 5.60 -23.44
CA GLY A 523 3.53 6.65 -22.57
C GLY A 523 4.46 7.63 -23.28
N ILE A 524 5.20 8.39 -22.48
CA ILE A 524 6.08 9.45 -22.97
C ILE A 524 7.51 9.12 -22.55
N GLU A 525 8.46 9.35 -23.46
CA GLU A 525 9.85 9.04 -23.15
C GLU A 525 10.33 9.89 -21.96
N PRO A 526 10.86 9.28 -20.90
CA PRO A 526 11.37 10.07 -19.78
C PRO A 526 12.65 10.80 -20.16
N ASN A 527 13.01 11.80 -19.37
CA ASN A 527 14.29 12.46 -19.63
C ASN A 527 15.44 11.51 -19.29
N GLU A 528 16.67 11.95 -19.62
CA GLU A 528 17.81 11.06 -19.52
C GLU A 528 18.08 10.63 -18.08
N SER A 529 17.92 11.54 -17.12
CA SER A 529 18.18 11.19 -15.73
C SER A 529 17.17 10.16 -15.21
N MET A 530 15.94 10.18 -15.73
CA MET A 530 14.94 9.20 -15.30
C MET A 530 15.12 7.85 -15.99
N LYS A 531 15.43 7.87 -17.29
CA LYS A 531 15.77 6.60 -17.96
C LYS A 531 16.96 5.94 -17.26
N LYS A 532 17.95 6.72 -16.85
CA LYS A 532 19.09 6.14 -16.15
C LYS A 532 18.66 5.49 -14.83
N ARG A 533 17.77 6.17 -14.09
CA ARG A 533 17.30 5.59 -12.84
C ARG A 533 16.46 4.34 -13.07
N MET A 534 15.67 4.32 -14.15
CA MET A 534 14.90 3.13 -14.47
C MET A 534 15.82 1.97 -14.82
N ALA A 535 16.90 2.23 -15.54
CA ALA A 535 17.86 1.18 -15.85
C ALA A 535 18.58 0.70 -14.59
N LEU A 536 18.97 1.64 -13.73
CA LEU A 536 19.56 1.27 -12.45
C LEU A 536 18.58 0.49 -11.59
N TYR A 537 17.29 0.84 -11.66
CA TYR A 537 16.31 0.12 -10.85
C TYR A 537 16.20 -1.35 -11.30
N ASP A 538 16.17 -1.58 -12.61
CA ASP A 538 16.13 -2.96 -13.10
C ASP A 538 17.41 -3.70 -12.71
N GLN A 539 18.56 -3.03 -12.75
CA GLN A 539 19.79 -3.66 -12.31
C GLN A 539 19.77 -3.94 -10.81
N PHE A 540 19.19 -3.02 -10.03
CA PHE A 540 19.05 -3.24 -8.60
C PHE A 540 18.23 -4.49 -8.30
N VAL A 541 17.06 -4.63 -8.95
CA VAL A 541 16.24 -5.82 -8.70
C VAL A 541 17.02 -7.09 -9.05
N ALA A 542 17.88 -7.03 -10.05
CA ALA A 542 18.67 -8.17 -10.52
C ALA A 542 20.06 -8.22 -9.90
N ALA A 543 20.31 -7.47 -8.83
CA ALA A 543 21.64 -7.39 -8.24
C ALA A 543 22.10 -8.77 -7.76
N LYS A 544 23.37 -9.08 -8.03
CA LYS A 544 23.90 -10.39 -7.67
C LYS A 544 24.29 -10.50 -6.19
N THR A 545 24.55 -9.38 -5.52
CA THR A 545 24.98 -9.39 -4.13
C THR A 545 24.32 -8.24 -3.39
N GLN A 546 24.33 -8.34 -2.05
CA GLN A 546 23.80 -7.27 -1.22
C GLN A 546 24.55 -5.95 -1.44
N SER A 547 25.87 -6.01 -1.60
N SER A 547 25.88 -6.03 -1.57
CA SER A 547 26.60 -4.77 -1.75
CA SER A 547 26.66 -4.81 -1.77
C SER A 547 26.39 -4.16 -3.13
C SER A 547 26.34 -4.17 -3.12
N GLN A 548 26.16 -4.98 -4.17
CA GLN A 548 25.78 -4.43 -5.46
C GLN A 548 24.41 -3.78 -5.38
N ALA A 549 23.46 -4.41 -4.68
CA ALA A 549 22.15 -3.82 -4.49
C ALA A 549 22.24 -2.48 -3.77
N LEU A 550 23.04 -2.42 -2.71
CA LEU A 550 23.22 -1.19 -1.97
C LEU A 550 23.77 -0.09 -2.87
N SER A 551 24.80 -0.41 -3.64
CA SER A 551 25.40 0.60 -4.52
C SER A 551 24.40 1.10 -5.55
N LEU A 552 23.65 0.20 -6.16
CA LEU A 552 22.78 0.58 -7.27
C LEU A 552 21.62 1.45 -6.79
N PHE A 553 20.99 1.07 -5.68
CA PHE A 553 19.87 1.87 -5.20
C PHE A 553 20.35 3.20 -4.63
N LYS A 554 21.53 3.22 -4.01
CA LYS A 554 22.09 4.50 -3.57
C LYS A 554 22.32 5.44 -4.75
N GLN A 555 22.72 4.89 -5.90
CA GLN A 555 22.88 5.73 -7.10
C GLN A 555 21.54 6.31 -7.54
N ILE A 556 20.48 5.50 -7.49
CA ILE A 556 19.14 6.01 -7.82
C ILE A 556 18.79 7.17 -6.93
N LEU A 557 19.00 7.01 -5.62
CA LEU A 557 18.64 8.07 -4.68
C LEU A 557 19.47 9.33 -4.92
N GLN A 558 20.75 9.17 -5.26
CA GLN A 558 21.59 10.33 -5.51
C GLN A 558 21.10 11.08 -6.74
N ILE A 559 20.77 10.38 -7.82
CA ILE A 559 20.26 11.06 -9.01
C ILE A 559 18.94 11.76 -8.70
N SER A 560 18.08 11.10 -7.93
CA SER A 560 16.84 11.73 -7.51
C SER A 560 17.10 13.01 -6.73
N ALA A 561 18.09 12.99 -5.83
CA ALA A 561 18.44 14.22 -5.09
C ALA A 561 18.96 15.30 -6.03
N ASP A 562 19.85 14.93 -6.96
CA ASP A 562 20.40 15.91 -7.88
C ASP A 562 19.30 16.55 -8.73
N GLU A 563 18.30 15.76 -9.11
CA GLU A 563 17.25 16.27 -9.99
C GLU A 563 16.22 17.10 -9.25
N PHE A 564 15.93 16.77 -8.00
CA PHE A 564 14.94 17.48 -7.18
C PHE A 564 13.62 17.67 -7.94
N GLU A 565 12.97 16.53 -8.20
CA GLU A 565 11.73 16.51 -8.97
C GLU A 565 10.48 16.72 -8.14
N VAL A 566 10.49 16.33 -6.87
CA VAL A 566 9.31 16.39 -6.03
C VAL A 566 9.69 17.10 -4.73
N ILE A 567 8.76 17.88 -4.20
CA ILE A 567 9.05 18.84 -3.13
C ILE A 567 8.26 18.42 -1.89
N GLY A 568 9.00 18.10 -0.81
CA GLY A 568 8.34 17.74 0.44
C GLY A 568 7.94 18.96 1.27
N THR A 569 6.94 18.78 2.12
CA THR A 569 6.57 19.79 3.10
C THR A 569 7.08 19.36 4.48
N VAL A 570 6.45 18.35 5.09
CA VAL A 570 6.84 17.83 6.39
C VAL A 570 6.83 16.31 6.37
N ARG A 571 7.78 15.69 7.07
N ARG A 571 7.76 15.69 7.08
CA ARG A 571 7.67 14.26 7.32
CA ARG A 571 7.67 14.26 7.32
C ARG A 571 6.52 14.00 8.28
C ARG A 571 6.53 13.99 8.29
N PRO A 572 5.96 12.78 8.26
CA PRO A 572 4.75 12.53 9.05
C PRO A 572 4.87 12.85 10.53
N ALA A 573 3.78 13.41 11.07
CA ALA A 573 3.58 13.36 12.51
C ALA A 573 3.29 11.91 12.91
N VAL A 574 3.24 11.68 14.23
CA VAL A 574 2.83 10.38 14.73
C VAL A 574 1.50 10.01 14.10
N ILE A 575 1.34 8.72 13.81
CA ILE A 575 0.10 8.16 13.28
C ILE A 575 -0.75 7.74 14.48
N SER A 576 -1.90 8.39 14.66
CA SER A 576 -2.78 8.10 15.80
C SER A 576 -3.75 6.99 15.42
N SER A 577 -3.46 5.79 15.88
CA SER A 577 -4.35 4.64 15.74
C SER A 577 -5.03 4.37 17.07
N LEU A 578 -6.09 3.57 17.06
CA LEU A 578 -6.78 3.28 18.31
C LEU A 578 -7.28 1.84 18.32
N HIS A 579 -7.38 1.28 19.52
CA HIS A 579 -8.08 0.02 19.72
C HIS A 579 -8.84 0.08 21.04
N SER A 580 -9.94 -0.66 21.10
N SER A 580 -9.95 -0.64 21.10
CA SER A 580 -10.73 -0.75 22.33
CA SER A 580 -10.73 -0.67 22.33
C SER A 580 -9.87 -1.24 23.48
C SER A 580 -9.91 -1.25 23.47
N LEU A 581 -10.19 -0.78 24.69
CA LEU A 581 -9.48 -1.28 25.86
C LEU A 581 -9.67 -2.78 26.05
N LYS A 582 -10.75 -3.34 25.51
CA LYS A 582 -11.02 -4.77 25.61
C LYS A 582 -10.26 -5.59 24.57
N LEU A 583 -9.70 -4.97 23.54
CA LEU A 583 -9.02 -5.71 22.47
C LEU A 583 -7.58 -5.94 22.88
N GLN A 584 -7.20 -7.21 23.01
CA GLN A 584 -5.90 -7.64 23.46
C GLN A 584 -5.05 -8.14 22.31
N ASN A 585 -3.72 -8.10 22.52
CA ASN A 585 -2.69 -8.64 21.61
C ASN A 585 -2.47 -7.75 20.38
N VAL A 586 -2.86 -6.49 20.42
CA VAL A 586 -2.48 -5.55 19.36
C VAL A 586 -1.07 -5.06 19.61
N ASN A 587 -0.19 -5.22 18.62
CA ASN A 587 1.18 -4.74 18.74
C ASN A 587 1.17 -3.22 18.58
N GLU A 588 1.23 -2.50 19.69
CA GLU A 588 1.14 -1.05 19.67
C GLU A 588 2.43 -0.39 19.19
N LYS A 589 3.50 -1.16 18.99
CA LYS A 589 4.76 -0.61 18.52
C LYS A 589 4.97 -0.82 17.02
N MET A 590 4.04 -1.47 16.33
CA MET A 590 4.30 -1.76 14.92
C MET A 590 4.36 -0.46 14.11
N PRO A 591 5.19 -0.41 13.09
CA PRO A 591 5.19 0.74 12.18
C PRO A 591 3.89 0.77 11.40
N PHE A 592 3.71 1.86 10.64
CA PHE A 592 2.53 2.07 9.83
C PHE A 592 2.93 2.08 8.36
N GLY A 593 2.28 1.24 7.56
CA GLY A 593 2.55 1.30 6.13
C GLY A 593 1.91 0.23 5.28
N TRP A 594 1.72 0.54 4.00
CA TRP A 594 1.09 -0.36 3.03
C TRP A 594 1.90 -1.62 2.75
N PRO A 595 3.23 -1.53 2.61
CA PRO A 595 4.00 -2.76 2.33
C PRO A 595 3.87 -3.82 3.40
N TYR A 596 3.49 -3.44 4.62
CA TYR A 596 3.27 -4.41 5.70
C TYR A 596 1.79 -4.57 6.00
N ALA A 597 0.92 -3.95 5.20
CA ALA A 597 -0.54 -4.08 5.29
C ALA A 597 -1.05 -3.78 6.70
N THR A 598 -0.51 -2.73 7.34
CA THR A 598 -0.88 -2.49 8.73
C THR A 598 -2.33 -2.00 8.79
N PRO A 599 -3.07 -2.37 9.86
CA PRO A 599 -2.60 -3.02 11.11
C PRO A 599 -2.51 -4.55 11.09
N SER A 600 -2.80 -5.19 9.96
CA SER A 600 -2.81 -6.65 9.93
C SER A 600 -1.43 -7.24 10.17
N LEU A 601 -0.36 -6.45 10.04
CA LEU A 601 0.97 -6.89 10.44
C LEU A 601 0.94 -7.54 11.82
N SER A 602 0.11 -7.02 12.71
CA SER A 602 0.03 -7.44 14.10
C SER A 602 -0.60 -8.82 14.29
N LEU A 603 -0.94 -9.54 13.21
CA LEU A 603 -1.50 -10.88 13.31
C LEU A 603 -2.87 -10.86 13.97
N PRO A 604 -3.88 -10.34 13.26
CA PRO A 604 -5.21 -10.19 13.85
C PRO A 604 -5.85 -11.50 14.27
N GLN A 605 -5.38 -12.62 13.73
CA GLN A 605 -5.91 -13.91 14.13
C GLN A 605 -5.61 -14.25 15.59
N GLN A 606 -4.70 -13.53 16.25
CA GLN A 606 -4.50 -13.72 17.68
C GLN A 606 -4.92 -12.52 18.52
N TRP A 607 -5.57 -11.50 17.92
CA TRP A 607 -6.29 -10.53 18.73
C TRP A 607 -7.45 -11.23 19.44
N TYR A 608 -7.80 -10.76 20.63
CA TYR A 608 -8.96 -11.33 21.31
C TYR A 608 -9.51 -10.30 22.30
N PHE A 609 -10.68 -10.59 22.83
CA PHE A 609 -11.37 -9.70 23.76
C PHE A 609 -11.23 -10.17 25.19
N SER A 610 -10.88 -9.23 26.06
N SER A 610 -10.92 -9.23 26.08
CA SER A 610 -10.96 -9.45 27.50
CA SER A 610 -10.94 -9.50 27.52
C SER A 610 -11.06 -8.09 28.16
C SER A 610 -10.95 -8.17 28.26
N LYS A 611 -11.91 -7.99 29.17
CA LYS A 611 -12.05 -6.76 29.95
C LYS A 611 -11.42 -7.04 31.30
N LEU A 612 -10.22 -6.51 31.50
CA LEU A 612 -9.32 -6.91 32.55
C LEU A 612 -8.72 -5.67 33.21
N GLU A 613 -8.56 -5.72 34.53
CA GLU A 613 -7.67 -4.80 35.20
C GLU A 613 -6.36 -5.55 35.48
C1 GOL B . 13.91 -0.35 2.78
O1 GOL B . 12.94 -0.74 1.83
C2 GOL B . 14.73 -1.64 3.08
O2 GOL B . 15.37 -2.11 1.96
C3 GOL B . 13.67 -2.59 3.65
O3 GOL B . 13.46 -3.56 2.69
C1 GOL C . 11.64 -3.54 -17.20
O1 GOL C . 12.43 -2.66 -17.91
C2 GOL C . 10.21 -2.99 -17.22
O2 GOL C . 9.54 -3.24 -18.42
C3 GOL C . 9.55 -3.70 -16.03
O3 GOL C . 8.43 -4.32 -16.55
C1 GOL D . 3.21 -26.20 19.50
O1 GOL D . 4.27 -25.64 20.21
C2 GOL D . 1.97 -26.19 20.40
O2 GOL D . 2.17 -26.71 21.64
C3 GOL D . 0.95 -27.01 19.58
O3 GOL D . 0.05 -27.55 20.48
C1 ADA E . -3.02 1.33 -2.82
C2 ADA E . -2.01 2.45 -2.63
C3 ADA E . -1.34 2.34 -1.28
C4 ADA E . -2.40 2.37 -0.18
C5 ADA E . -3.36 1.21 -0.40
C6 ADA E . -4.49 1.24 0.64
O1 ADA E . -2.30 0.10 -2.89
O2 ADA E . -1.01 2.36 -3.65
O3 ADA E . -0.44 3.47 -1.14
O4 ADA E . -3.13 3.60 -0.24
O5 ADA E . -3.96 1.33 -1.70
O6B ADA E . -5.66 1.42 0.22
O6A ADA E . -4.19 1.11 1.85
#